data_4JM0
#
_entry.id   4JM0
#
_cell.length_a   96.060
_cell.length_b   96.060
_cell.length_c   136.071
_cell.angle_alpha   90.00
_cell.angle_beta   90.00
_cell.angle_gamma   120.00
#
_symmetry.space_group_name_H-M   'P 32 2 1'
#
loop_
_entity.id
_entity.type
_entity.pdbx_description
1 polymer 'Protein UL141'
2 branched 2-acetamido-2-deoxy-beta-D-glucopyranose-(1-4)-2-acetamido-2-deoxy-beta-D-glucopyranose
#
_entity_poly.entity_id   1
_entity_poly.type   'polypeptide(L)'
_entity_poly.pdbx_seq_one_letter_code
;SFPFATADIAEKMWAENYETTSPAPVLVAEGEQVTIPCTVMTHSWPMVSIRARFCRSHDGSDELILDAVKGHRLMNGLQY
RLPYATWNFSQLHLGQIFSLTFNVSTDTAGMYECVLRNYSHGLIMQRFVILTQLETLSRPDEPCCTPALGRYSLGDQIWS
PTPWRLRNHDCGMYRGFQRNYFYIGRADAEDCWKPACPDEEPDRCWTVIQRYRLPGDCYRSQPHPPKFLPVTPAPPADID
TGMSPWATRGHHHHHH
;
_entity_poly.pdbx_strand_id   A,B
#
# COMPACT_ATOMS: atom_id res chain seq x y z
N ALA A 10 -5.90 -17.20 -18.09
CA ALA A 10 -4.63 -16.69 -18.69
C ALA A 10 -3.43 -16.92 -17.75
N GLU A 11 -2.32 -17.45 -18.29
CA GLU A 11 -1.07 -17.78 -17.56
C GLU A 11 -0.68 -16.79 -16.44
N LYS A 12 -0.95 -17.20 -15.20
CA LYS A 12 -0.83 -16.38 -14.00
C LYS A 12 0.51 -16.62 -13.30
N MET A 13 1.08 -15.54 -12.77
CA MET A 13 2.35 -15.59 -12.03
C MET A 13 2.22 -14.85 -10.70
N TRP A 14 2.90 -15.34 -9.68
CA TRP A 14 2.87 -14.70 -8.38
C TRP A 14 4.10 -13.89 -8.09
N ALA A 15 3.88 -12.65 -7.64
CA ALA A 15 4.95 -11.73 -7.21
C ALA A 15 5.84 -12.44 -6.18
N GLU A 16 7.14 -12.16 -6.19
CA GLU A 16 8.07 -12.68 -5.17
C GLU A 16 7.46 -12.74 -3.76
N ASN A 17 6.97 -11.58 -3.30
CA ASN A 17 6.39 -11.41 -1.97
C ASN A 17 4.85 -11.40 -1.95
N TYR A 18 4.25 -12.41 -2.59
CA TYR A 18 2.78 -12.49 -2.66
C TYR A 18 2.15 -12.84 -1.30
N GLU A 19 2.49 -14.03 -0.77
CA GLU A 19 1.93 -14.62 0.48
C GLU A 19 2.37 -13.88 1.75
N THR A 20 3.29 -12.94 1.59
CA THR A 20 3.90 -12.28 2.72
C THR A 20 3.67 -10.77 2.65
N THR A 21 2.60 -10.41 1.96
CA THR A 21 2.03 -9.03 1.99
C THR A 21 0.54 -9.11 1.63
N SER A 22 0.03 -10.34 1.62
CA SER A 22 -1.38 -10.62 1.53
C SER A 22 -1.79 -10.83 2.98
N PRO A 23 -2.58 -9.88 3.52
CA PRO A 23 -3.18 -10.06 4.81
C PRO A 23 -3.99 -11.38 4.91
N ALA A 24 -4.23 -11.81 6.15
CA ALA A 24 -5.11 -12.93 6.46
C ALA A 24 -6.57 -12.52 6.31
N PRO A 25 -7.47 -13.53 6.29
CA PRO A 25 -8.86 -13.29 5.99
C PRO A 25 -9.45 -12.28 6.92
N VAL A 26 -10.38 -11.49 6.47
CA VAL A 26 -11.00 -10.56 7.34
C VAL A 26 -12.48 -10.87 7.38
N LEU A 27 -12.96 -11.19 8.56
CA LEU A 27 -14.37 -11.36 8.76
C LEU A 27 -15.01 -9.97 8.82
N VAL A 28 -16.03 -9.72 7.98
CA VAL A 28 -16.68 -8.38 7.84
C VAL A 28 -18.23 -8.44 7.91
N ALA A 29 -18.91 -7.43 8.48
CA ALA A 29 -20.37 -7.52 8.66
C ALA A 29 -21.11 -7.37 7.33
N GLU A 30 -22.21 -8.11 7.13
CA GLU A 30 -22.91 -8.00 5.86
C GLU A 30 -23.28 -6.55 5.63
N GLY A 31 -23.21 -6.09 4.39
CA GLY A 31 -23.70 -4.74 4.06
C GLY A 31 -22.67 -3.67 4.32
N GLU A 32 -21.64 -3.99 5.09
CA GLU A 32 -20.45 -3.12 5.21
C GLU A 32 -19.87 -2.75 3.85
N GLN A 33 -19.56 -1.49 3.67
CA GLN A 33 -18.97 -1.10 2.40
C GLN A 33 -17.49 -1.31 2.53
N VAL A 34 -16.85 -1.93 1.56
CA VAL A 34 -15.37 -2.01 1.63
C VAL A 34 -14.63 -1.60 0.35
N THR A 35 -13.32 -1.43 0.47
CA THR A 35 -12.55 -1.14 -0.69
C THR A 35 -11.34 -2.01 -0.74
N ILE A 36 -11.11 -2.61 -1.89
CA ILE A 36 -9.92 -3.38 -2.09
C ILE A 36 -8.92 -2.40 -2.66
N PRO A 37 -7.83 -2.14 -1.94
CA PRO A 37 -6.90 -1.12 -2.38
C PRO A 37 -5.65 -1.69 -3.02
N CYS A 38 -5.45 -1.00 -4.18
CA CYS A 38 -4.21 -1.42 -4.83
C CYS A 38 -3.18 -0.34 -5.13
N THR A 39 -1.92 -0.87 -4.71
CA THR A 39 -0.85 0.06 -5.00
C THR A 39 0.30 -0.65 -5.69
N VAL A 40 0.66 -0.18 -6.87
CA VAL A 40 1.80 -0.75 -7.53
C VAL A 40 2.84 0.31 -7.87
N MET A 41 4.12 -0.02 -7.72
CA MET A 41 5.17 0.89 -8.15
C MET A 41 5.22 0.88 -9.69
N THR A 42 5.37 2.08 -10.26
CA THR A 42 5.43 2.29 -11.69
C THR A 42 6.18 1.20 -12.51
N HIS A 43 5.51 0.62 -13.50
CA HIS A 43 5.90 -0.70 -14.02
C HIS A 43 5.59 -0.88 -15.47
N SER A 44 6.19 -1.90 -16.06
CA SER A 44 6.08 -2.06 -17.49
C SER A 44 4.81 -2.75 -18.07
N TRP A 45 3.80 -3.06 -17.28
CA TRP A 45 2.66 -3.77 -17.86
C TRP A 45 1.70 -2.78 -18.40
N PRO A 46 0.88 -3.17 -19.40
CA PRO A 46 -0.01 -2.24 -20.02
C PRO A 46 -1.36 -2.08 -19.33
N MET A 47 -1.69 -2.99 -18.43
CA MET A 47 -3.02 -3.05 -17.89
C MET A 47 -2.90 -3.56 -16.44
N VAL A 48 -3.84 -3.10 -15.60
CA VAL A 48 -4.01 -3.71 -14.27
C VAL A 48 -5.41 -4.18 -14.09
N SER A 49 -5.60 -5.20 -13.27
CA SER A 49 -6.95 -5.68 -13.01
C SER A 49 -7.09 -6.04 -11.55
N ILE A 50 -8.34 -5.98 -11.06
CA ILE A 50 -8.65 -6.63 -9.79
C ILE A 50 -9.45 -7.92 -10.10
N ARG A 51 -9.00 -9.01 -9.52
CA ARG A 51 -9.51 -10.28 -9.96
C ARG A 51 -10.27 -10.90 -8.82
N ALA A 52 -11.49 -11.32 -9.06
CA ALA A 52 -12.26 -11.76 -7.93
C ALA A 52 -12.60 -13.23 -8.08
N ARG A 53 -12.38 -14.01 -7.04
CA ARG A 53 -12.82 -15.37 -7.06
C ARG A 53 -13.73 -15.46 -5.89
N PHE A 54 -15.02 -15.29 -6.14
CA PHE A 54 -16.05 -15.38 -5.08
C PHE A 54 -16.04 -16.69 -4.27
N CYS A 55 -16.46 -16.65 -3.02
CA CYS A 55 -16.37 -17.84 -2.24
C CYS A 55 -17.61 -18.65 -2.54
N ARG A 56 -18.75 -17.97 -2.57
CA ARG A 56 -20.00 -18.63 -2.89
C ARG A 56 -20.03 -19.06 -4.32
N SER A 57 -21.22 -19.16 -4.88
CA SER A 57 -21.35 -19.72 -6.21
C SER A 57 -20.26 -19.18 -7.09
N HIS A 58 -20.00 -19.88 -8.18
CA HIS A 58 -19.05 -19.42 -9.16
C HIS A 58 -17.82 -20.29 -9.21
N ASP A 59 -17.16 -20.27 -10.37
CA ASP A 59 -15.88 -20.93 -10.59
C ASP A 59 -15.11 -20.21 -11.68
N GLY A 60 -13.79 -20.33 -11.65
CA GLY A 60 -12.93 -19.55 -12.51
C GLY A 60 -12.63 -18.26 -11.80
N SER A 61 -12.39 -17.18 -12.52
CA SER A 61 -12.32 -15.87 -11.85
C SER A 61 -13.01 -14.72 -12.62
N ASP A 62 -12.99 -13.50 -12.09
CA ASP A 62 -13.59 -12.35 -12.77
C ASP A 62 -12.81 -11.07 -12.52
N GLU A 63 -12.68 -10.23 -13.53
CA GLU A 63 -11.82 -9.08 -13.37
C GLU A 63 -12.34 -7.77 -13.83
N LEU A 64 -12.21 -6.76 -13.00
CA LEU A 64 -12.18 -5.43 -13.53
C LEU A 64 -10.77 -5.22 -14.11
N ILE A 65 -10.70 -4.85 -15.38
CA ILE A 65 -9.40 -4.53 -16.03
C ILE A 65 -9.29 -3.06 -16.45
N LEU A 66 -8.20 -2.39 -16.07
CA LEU A 66 -7.98 -1.02 -16.51
C LEU A 66 -6.64 -0.84 -17.24
N ASP A 67 -6.68 -0.04 -18.31
CA ASP A 67 -5.50 0.49 -18.90
C ASP A 67 -4.52 0.93 -17.81
N ALA A 68 -3.35 0.34 -17.80
CA ALA A 68 -2.41 0.62 -16.70
C ALA A 68 -2.04 2.08 -16.52
N VAL A 69 -2.51 2.99 -17.38
CA VAL A 69 -1.85 4.30 -17.42
C VAL A 69 -2.72 5.49 -17.10
N LYS A 70 -3.79 5.69 -17.87
CA LYS A 70 -4.73 6.74 -17.56
C LYS A 70 -5.89 6.04 -16.84
N GLY A 71 -5.65 4.79 -16.46
CA GLY A 71 -6.67 4.00 -15.83
C GLY A 71 -8.04 3.71 -16.45
N HIS A 72 -8.26 3.81 -17.79
CA HIS A 72 -9.62 3.46 -18.37
C HIS A 72 -10.04 2.02 -18.23
N ARG A 73 -11.32 1.82 -17.99
CA ARG A 73 -11.91 0.51 -17.93
C ARG A 73 -11.89 -0.12 -19.31
N LEU A 74 -11.16 -1.20 -19.41
CA LEU A 74 -11.11 -2.00 -20.61
C LEU A 74 -12.15 -3.09 -20.54
N MET A 75 -12.38 -3.63 -19.35
CA MET A 75 -13.19 -4.83 -19.23
C MET A 75 -13.63 -5.09 -17.82
N ASN A 76 -14.92 -5.37 -17.67
CA ASN A 76 -15.49 -5.43 -16.34
C ASN A 76 -16.20 -6.73 -16.04
N GLY A 77 -15.42 -7.73 -15.69
CA GLY A 77 -15.96 -9.00 -15.34
C GLY A 77 -16.90 -8.89 -14.16
N LEU A 78 -16.61 -7.98 -13.24
CA LEU A 78 -17.40 -7.93 -12.03
C LEU A 78 -18.82 -7.40 -12.23
N GLN A 79 -19.05 -6.78 -13.37
CA GLN A 79 -20.21 -5.98 -13.55
C GLN A 79 -21.49 -6.73 -13.20
N TYR A 80 -21.36 -8.00 -12.89
CA TYR A 80 -22.55 -8.84 -12.76
C TYR A 80 -22.93 -9.17 -11.34
N ARG A 81 -22.03 -9.75 -10.69
CA ARG A 81 -22.07 -9.95 -9.29
C ARG A 81 -22.00 -8.62 -8.57
N LEU A 82 -21.39 -7.71 -9.19
CA LEU A 82 -21.15 -6.47 -8.45
C LEU A 82 -21.64 -5.35 -9.23
N PRO A 83 -22.96 -5.32 -9.49
CA PRO A 83 -23.42 -4.33 -10.46
C PRO A 83 -23.24 -2.92 -9.90
N TYR A 84 -23.14 -2.77 -8.57
CA TYR A 84 -23.15 -1.43 -8.03
C TYR A 84 -21.82 -0.85 -7.53
N ALA A 85 -20.73 -1.61 -7.71
CA ALA A 85 -19.40 -1.22 -7.33
C ALA A 85 -18.91 -0.09 -8.22
N THR A 86 -17.78 0.46 -7.84
CA THR A 86 -17.24 1.66 -8.40
C THR A 86 -15.75 1.34 -8.24
N TRP A 87 -14.89 1.77 -9.17
CA TRP A 87 -13.42 1.61 -8.99
C TRP A 87 -12.75 2.96 -9.04
N ASN A 88 -11.49 3.07 -8.62
CA ASN A 88 -10.79 4.36 -8.76
C ASN A 88 -9.38 4.10 -9.14
N PHE A 89 -8.77 5.11 -9.75
CA PHE A 89 -7.44 4.96 -10.28
C PHE A 89 -6.64 6.22 -10.11
N SER A 90 -5.58 6.14 -9.33
CA SER A 90 -4.76 7.32 -9.12
C SER A 90 -3.39 7.16 -9.74
N GLN A 91 -2.99 8.19 -10.49
CA GLN A 91 -1.61 8.30 -10.94
C GLN A 91 -0.66 9.01 -9.93
N LEU A 92 0.34 8.29 -9.38
CA LEU A 92 1.18 8.92 -8.34
C LEU A 92 2.58 9.27 -8.84
N HIS A 93 2.78 8.95 -10.11
CA HIS A 93 4.03 9.09 -10.80
C HIS A 93 4.94 7.97 -10.44
N LEU A 94 5.40 7.89 -9.18
CA LEU A 94 6.27 6.80 -8.82
C LEU A 94 5.50 5.51 -8.71
N GLY A 95 4.18 5.60 -8.84
CA GLY A 95 3.33 4.42 -8.86
C GLY A 95 1.86 4.80 -9.04
N GLN A 96 0.98 3.80 -8.86
CA GLN A 96 -0.44 3.99 -9.05
C GLN A 96 -1.23 3.25 -8.04
N ILE A 97 -2.37 3.85 -7.69
CA ILE A 97 -3.36 3.20 -6.85
C ILE A 97 -4.62 2.94 -7.65
N PHE A 98 -5.09 1.71 -7.55
CA PHE A 98 -6.44 1.46 -7.99
C PHE A 98 -7.24 0.62 -7.01
N SER A 99 -8.55 0.62 -7.17
CA SER A 99 -9.40 0.15 -6.10
C SER A 99 -10.84 -0.13 -6.52
N LEU A 100 -11.43 -1.12 -5.85
CA LEU A 100 -12.76 -1.56 -6.13
C LEU A 100 -13.55 -1.41 -4.85
N THR A 101 -14.66 -0.71 -4.91
CA THR A 101 -15.42 -0.43 -3.73
C THR A 101 -16.75 -1.06 -3.96
N PHE A 102 -17.22 -1.83 -2.98
CA PHE A 102 -18.52 -2.53 -3.04
C PHE A 102 -19.04 -2.83 -1.63
N ASN A 103 -20.33 -3.20 -1.51
CA ASN A 103 -20.86 -3.59 -0.21
C ASN A 103 -20.79 -5.09 -0.06
N VAL A 104 -20.31 -5.55 1.09
CA VAL A 104 -20.07 -6.99 1.25
C VAL A 104 -21.34 -7.72 1.53
N SER A 105 -21.55 -8.86 0.85
CA SER A 105 -22.62 -9.83 1.18
C SER A 105 -22.03 -11.22 1.20
N THR A 106 -22.81 -12.20 1.64
CA THR A 106 -22.42 -13.61 1.42
C THR A 106 -22.08 -13.84 -0.05
N ASP A 107 -22.94 -13.31 -0.93
CA ASP A 107 -22.78 -13.39 -2.37
C ASP A 107 -21.56 -12.74 -2.94
N THR A 108 -20.99 -11.82 -2.20
CA THR A 108 -19.83 -11.16 -2.73
C THR A 108 -18.56 -11.25 -1.91
N ALA A 109 -18.57 -12.08 -0.88
CA ALA A 109 -17.34 -12.39 -0.22
C ALA A 109 -16.47 -13.34 -1.03
N GLY A 110 -15.22 -12.96 -1.27
CA GLY A 110 -14.25 -13.91 -1.77
C GLY A 110 -12.78 -13.53 -1.62
N MET A 111 -12.02 -13.90 -2.65
CA MET A 111 -10.63 -13.60 -2.71
C MET A 111 -10.39 -12.60 -3.78
N TYR A 112 -10.05 -11.38 -3.37
CA TYR A 112 -9.74 -10.36 -4.33
C TYR A 112 -8.25 -10.15 -4.52
N GLU A 113 -7.79 -10.03 -5.77
CA GLU A 113 -6.35 -9.93 -6.04
C GLU A 113 -5.89 -8.72 -6.87
N CYS A 114 -4.66 -8.33 -6.60
CA CYS A 114 -4.12 -7.26 -7.42
C CYS A 114 -3.22 -7.81 -8.48
N VAL A 115 -3.65 -7.42 -9.65
CA VAL A 115 -2.94 -8.05 -10.76
C VAL A 115 -2.36 -7.09 -11.81
N LEU A 116 -1.07 -7.27 -12.07
CA LEU A 116 -0.45 -6.65 -13.24
C LEU A 116 -0.68 -7.53 -14.47
N ARG A 117 -1.05 -6.91 -15.60
CA ARG A 117 -1.61 -7.71 -16.69
C ARG A 117 -1.26 -7.27 -18.13
N ASN A 118 -0.85 -8.24 -18.94
CA ASN A 118 -0.99 -8.15 -20.39
C ASN A 118 -2.09 -9.09 -20.92
N TYR A 119 -2.12 -9.45 -22.19
CA TYR A 119 -3.23 -10.28 -22.63
C TYR A 119 -3.06 -11.71 -22.24
N SER A 120 -1.84 -12.16 -22.23
CA SER A 120 -1.60 -13.56 -22.03
C SER A 120 -1.40 -13.88 -20.56
N HIS A 121 -0.95 -12.89 -19.80
CA HIS A 121 -0.39 -13.16 -18.45
C HIS A 121 -0.78 -12.20 -17.41
N GLY A 122 -0.91 -12.73 -16.20
CA GLY A 122 -1.11 -11.85 -15.07
C GLY A 122 0.03 -12.06 -14.11
N LEU A 123 0.59 -10.98 -13.57
CA LEU A 123 1.44 -11.08 -12.39
C LEU A 123 0.60 -10.76 -11.21
N ILE A 124 0.60 -11.64 -10.21
CA ILE A 124 -0.33 -11.44 -9.08
C ILE A 124 0.34 -10.79 -7.91
N MET A 125 0.01 -9.52 -7.62
CA MET A 125 0.72 -8.77 -6.59
C MET A 125 0.33 -9.14 -5.15
N GLN A 126 -0.95 -8.93 -4.82
CA GLN A 126 -1.37 -9.29 -3.50
C GLN A 126 -2.82 -9.71 -3.40
N ARG A 127 -3.14 -10.43 -2.31
CA ARG A 127 -4.46 -11.02 -2.14
C ARG A 127 -5.18 -10.62 -0.85
N PHE A 128 -6.32 -9.99 -1.01
CA PHE A 128 -7.32 -9.87 0.03
C PHE A 128 -8.45 -11.03 0.10
N VAL A 129 -8.77 -11.53 1.31
CA VAL A 129 -9.88 -12.50 1.45
C VAL A 129 -10.97 -11.89 2.33
N ILE A 130 -12.06 -11.44 1.72
CA ILE A 130 -13.20 -10.97 2.51
C ILE A 130 -14.24 -12.08 2.76
N LEU A 131 -14.41 -12.46 4.04
CA LEU A 131 -15.46 -13.37 4.50
C LEU A 131 -16.59 -12.65 5.21
N THR A 132 -17.82 -13.17 5.08
CA THR A 132 -18.94 -12.70 5.93
C THR A 132 -19.40 -13.66 6.99
N GLN A 133 -19.19 -14.95 6.76
CA GLN A 133 -19.44 -15.99 7.80
C GLN A 133 -18.20 -16.89 7.82
N LEU A 134 -17.85 -17.48 8.94
CA LEU A 134 -16.69 -18.38 8.92
C LEU A 134 -16.95 -19.66 9.72
N GLU A 135 -16.67 -20.83 9.14
CA GLU A 135 -17.17 -22.12 9.68
C GLU A 135 -16.80 -22.52 11.13
N PRO A 147 -14.27 -16.87 21.40
CA PRO A 147 -13.11 -16.76 20.51
C PRO A 147 -12.69 -15.32 20.17
N ALA A 148 -11.72 -14.79 20.92
CA ALA A 148 -11.12 -13.46 20.71
C ALA A 148 -10.62 -13.27 19.29
N LEU A 149 -10.67 -12.02 18.82
CA LEU A 149 -10.48 -11.69 17.41
C LEU A 149 -10.18 -10.21 17.41
N GLY A 150 -9.03 -9.83 16.89
CA GLY A 150 -8.64 -8.44 16.96
C GLY A 150 -8.89 -7.72 15.67
N ARG A 151 -8.62 -6.43 15.66
CA ARG A 151 -8.35 -5.72 14.43
C ARG A 151 -6.99 -6.28 14.04
N TYR A 152 -6.45 -5.85 12.90
CA TYR A 152 -5.32 -6.56 12.25
C TYR A 152 -4.07 -6.70 13.08
N SER A 153 -3.70 -7.94 13.36
CA SER A 153 -2.35 -8.24 13.81
C SER A 153 -1.57 -8.42 12.53
N LEU A 154 -0.47 -7.70 12.39
CA LEU A 154 0.56 -8.14 11.45
C LEU A 154 0.81 -9.63 11.85
N GLY A 155 1.02 -10.48 10.86
CA GLY A 155 1.01 -11.91 11.11
C GLY A 155 -0.32 -12.49 10.69
N ASP A 156 -0.36 -13.81 10.62
CA ASP A 156 -1.49 -14.58 10.07
C ASP A 156 -2.57 -15.04 11.09
N GLN A 157 -3.52 -14.16 11.42
CA GLN A 157 -4.59 -14.50 12.31
C GLN A 157 -5.83 -13.88 11.74
N ILE A 158 -6.81 -14.70 11.39
CA ILE A 158 -8.08 -14.12 10.88
C ILE A 158 -8.51 -12.96 11.76
N TRP A 159 -8.78 -11.84 11.17
CA TRP A 159 -9.07 -10.68 11.97
C TRP A 159 -10.38 -10.03 11.59
N SER A 160 -10.73 -8.93 12.22
CA SER A 160 -11.93 -8.17 11.83
C SER A 160 -11.72 -6.66 12.03
N PRO A 161 -12.37 -5.84 11.23
CA PRO A 161 -12.14 -4.49 11.57
C PRO A 161 -12.94 -4.09 12.81
N THR A 162 -13.97 -4.86 13.15
CA THR A 162 -14.80 -4.47 14.31
C THR A 162 -15.08 -5.61 15.27
N PRO A 163 -14.05 -6.30 15.79
CA PRO A 163 -14.17 -7.61 16.45
C PRO A 163 -15.23 -7.72 17.59
N TRP A 164 -15.25 -6.73 18.48
CA TRP A 164 -16.31 -6.55 19.46
C TRP A 164 -17.75 -6.79 19.04
N ARG A 165 -18.09 -6.62 17.75
CA ARG A 165 -19.48 -6.83 17.28
C ARG A 165 -19.70 -8.29 16.86
N LEU A 166 -18.70 -9.14 17.07
CA LEU A 166 -18.69 -10.56 16.68
C LEU A 166 -19.72 -11.51 17.32
N ARG A 167 -20.76 -11.89 16.57
CA ARG A 167 -21.75 -12.84 17.07
C ARG A 167 -21.35 -14.29 16.69
N ASN A 168 -22.32 -15.20 16.67
CA ASN A 168 -22.07 -16.63 16.50
C ASN A 168 -23.38 -17.45 16.47
N HIS A 169 -23.78 -17.90 15.28
CA HIS A 169 -24.93 -18.79 15.08
C HIS A 169 -24.42 -20.20 15.14
N ASP A 170 -25.35 -21.17 15.25
CA ASP A 170 -25.13 -22.63 15.09
C ASP A 170 -26.05 -23.15 13.97
N CYS A 171 -26.27 -22.31 12.94
CA CYS A 171 -27.37 -22.44 11.95
C CYS A 171 -26.93 -22.55 10.45
N GLY A 172 -27.65 -21.88 9.55
CA GLY A 172 -27.39 -21.95 8.09
C GLY A 172 -27.19 -20.63 7.35
N MET A 173 -27.90 -19.58 7.81
CA MET A 173 -28.01 -18.27 7.15
C MET A 173 -28.29 -17.11 8.15
N TYR A 174 -27.26 -16.35 8.57
CA TYR A 174 -27.34 -15.22 9.59
C TYR A 174 -28.39 -14.12 9.33
N TYR A 181 -20.65 -21.49 12.77
CA TYR A 181 -20.41 -20.36 11.85
C TYR A 181 -20.46 -18.97 12.58
N PHE A 182 -19.29 -18.34 12.69
CA PHE A 182 -19.08 -17.01 13.29
C PHE A 182 -19.39 -15.85 12.35
N TYR A 183 -19.61 -14.68 12.94
CA TYR A 183 -19.86 -13.53 12.13
C TYR A 183 -19.98 -12.22 12.94
N ILE A 184 -20.20 -11.12 12.24
CA ILE A 184 -20.18 -9.81 12.86
C ILE A 184 -21.58 -9.25 12.91
N GLY A 185 -21.99 -8.86 14.11
CA GLY A 185 -23.36 -8.43 14.39
C GLY A 185 -23.71 -7.14 13.72
N ARG A 186 -24.97 -6.74 13.94
CA ARG A 186 -25.56 -5.57 13.32
C ARG A 186 -24.92 -4.29 13.84
N ALA A 187 -24.54 -3.40 12.92
CA ALA A 187 -23.79 -2.19 13.28
C ALA A 187 -24.72 -1.00 13.63
N PRO A 202 -18.08 -27.29 0.86
CA PRO A 202 -17.60 -26.15 1.63
C PRO A 202 -17.63 -24.83 0.80
N ASP A 203 -16.98 -23.76 1.32
CA ASP A 203 -16.72 -22.48 0.61
C ASP A 203 -15.76 -22.73 -0.52
N ARG A 204 -15.82 -21.90 -1.57
CA ARG A 204 -14.70 -21.91 -2.52
C ARG A 204 -13.44 -21.37 -1.82
N CYS A 205 -13.57 -21.09 -0.52
CA CYS A 205 -12.56 -20.41 0.28
C CYS A 205 -11.87 -21.30 1.27
N TRP A 206 -12.65 -21.98 2.10
CA TRP A 206 -12.09 -22.97 3.02
C TRP A 206 -11.01 -23.77 2.34
N THR A 207 -9.76 -23.43 2.64
CA THR A 207 -8.51 -24.09 2.23
C THR A 207 -7.56 -22.95 2.43
N VAL A 208 -7.90 -21.83 1.77
CA VAL A 208 -7.27 -20.53 1.95
C VAL A 208 -7.47 -20.17 3.42
N ILE A 209 -8.73 -20.14 3.84
CA ILE A 209 -9.06 -19.89 5.22
C ILE A 209 -8.30 -20.88 6.07
N GLN A 210 -8.40 -22.18 5.76
CA GLN A 210 -7.80 -23.20 6.64
C GLN A 210 -6.29 -23.04 6.79
N ARG A 211 -5.64 -22.34 5.84
CA ARG A 211 -4.21 -22.05 5.99
C ARG A 211 -3.94 -21.27 7.31
N TYR A 212 -4.65 -20.16 7.49
CA TYR A 212 -4.48 -19.27 8.62
C TYR A 212 -5.11 -19.80 9.88
N ARG A 213 -4.58 -19.33 11.01
CA ARG A 213 -5.09 -19.66 12.33
C ARG A 213 -6.22 -18.72 12.73
N LEU A 214 -7.09 -19.21 13.61
CA LEU A 214 -8.08 -18.35 14.28
C LEU A 214 -7.51 -18.00 15.67
N PRO A 215 -7.70 -16.77 16.15
CA PRO A 215 -7.18 -16.50 17.49
C PRO A 215 -8.09 -17.03 18.61
N PRO B 3 9.63 20.67 20.91
CA PRO B 3 8.38 21.45 21.09
C PRO B 3 7.84 22.04 19.75
N PHE B 4 7.65 21.18 18.73
CA PHE B 4 7.84 19.71 18.78
C PHE B 4 8.86 19.14 17.77
N ALA B 5 9.82 19.98 17.37
CA ALA B 5 10.90 19.56 16.44
C ALA B 5 11.95 18.75 17.17
N THR B 6 12.97 18.31 16.42
CA THR B 6 13.94 17.30 16.85
C THR B 6 13.19 15.99 17.03
N ALA B 7 12.53 15.89 18.18
CA ALA B 7 11.67 14.77 18.53
C ALA B 7 11.42 13.73 17.42
N ASP B 8 12.43 12.87 17.19
CA ASP B 8 12.24 11.66 16.43
C ASP B 8 11.31 10.80 17.24
N ILE B 9 10.88 9.68 16.65
CA ILE B 9 9.97 8.78 17.35
C ILE B 9 10.73 8.18 18.54
N ALA B 10 10.12 8.25 19.72
CA ALA B 10 10.78 7.79 20.94
C ALA B 10 11.23 6.34 20.84
N GLU B 11 10.26 5.46 20.72
CA GLU B 11 10.57 4.06 20.63
C GLU B 11 9.93 3.50 19.39
N LYS B 12 10.80 3.23 18.42
CA LYS B 12 10.42 2.83 17.08
C LYS B 12 10.46 1.34 17.02
N MET B 13 9.55 0.76 16.24
CA MET B 13 9.61 -0.66 15.90
C MET B 13 9.39 -0.86 14.42
N TRP B 14 9.99 -1.90 13.87
CA TRP B 14 9.74 -2.22 12.47
C TRP B 14 8.79 -3.37 12.21
N ALA B 15 7.87 -3.19 11.28
CA ALA B 15 6.96 -4.26 10.84
C ALA B 15 7.73 -5.51 10.44
N GLU B 16 7.17 -6.71 10.72
CA GLU B 16 7.84 -7.94 10.31
C GLU B 16 8.46 -7.81 8.90
N ASN B 17 7.63 -7.47 7.92
CA ASN B 17 8.00 -7.35 6.49
C ASN B 17 8.34 -5.94 6.05
N TYR B 18 9.26 -5.31 6.74
CA TYR B 18 9.56 -3.92 6.47
C TYR B 18 10.49 -3.80 5.24
N GLU B 19 11.65 -4.44 5.31
CA GLU B 19 12.66 -4.33 4.25
C GLU B 19 12.22 -5.02 2.98
N THR B 20 11.16 -5.82 3.07
CA THR B 20 10.79 -6.70 1.97
C THR B 20 9.41 -6.29 1.45
N THR B 21 9.02 -5.05 1.73
CA THR B 21 7.92 -4.42 1.02
C THR B 21 8.24 -2.94 0.91
N SER B 22 9.49 -2.61 1.22
CA SER B 22 10.02 -1.30 0.96
C SER B 22 10.69 -1.37 -0.41
N PRO B 23 10.11 -0.72 -1.43
CA PRO B 23 10.79 -0.62 -2.72
C PRO B 23 12.19 0.01 -2.62
N ALA B 24 13.05 -0.29 -3.59
CA ALA B 24 14.34 0.37 -3.73
C ALA B 24 14.18 1.88 -4.01
N PRO B 25 15.29 2.61 -3.93
CA PRO B 25 15.27 4.03 -4.24
C PRO B 25 14.74 4.30 -5.64
N VAL B 26 14.10 5.43 -5.80
CA VAL B 26 13.65 5.83 -7.09
C VAL B 26 14.23 7.19 -7.37
N LEU B 27 14.99 7.23 -8.44
CA LEU B 27 15.56 8.48 -8.88
C LEU B 27 14.50 9.22 -9.70
N VAL B 28 14.35 10.50 -9.45
CA VAL B 28 13.17 11.23 -9.90
C VAL B 28 13.58 12.62 -10.35
N ALA B 29 12.89 13.22 -11.33
CA ALA B 29 13.28 14.56 -11.80
C ALA B 29 12.96 15.70 -10.84
N GLU B 30 13.80 16.74 -10.77
CA GLU B 30 13.49 17.81 -9.84
C GLU B 30 12.15 18.35 -10.19
N GLY B 31 11.41 18.75 -9.19
CA GLY B 31 10.12 19.39 -9.40
C GLY B 31 8.99 18.44 -9.78
N GLU B 32 9.30 17.19 -10.10
CA GLU B 32 8.25 16.20 -10.30
C GLU B 32 7.36 16.19 -9.07
N GLN B 33 6.07 16.07 -9.24
CA GLN B 33 5.22 16.04 -8.07
C GLN B 33 4.93 14.60 -7.84
N VAL B 34 5.35 14.06 -6.71
CA VAL B 34 5.15 12.67 -6.41
C VAL B 34 4.38 12.59 -5.16
N THR B 35 3.78 11.45 -4.94
CA THR B 35 2.98 11.20 -3.76
C THR B 35 3.52 10.03 -3.03
N ILE B 36 3.23 9.95 -1.74
CA ILE B 36 3.68 8.86 -0.91
C ILE B 36 2.46 8.21 -0.30
N PRO B 37 2.35 6.92 -0.48
CA PRO B 37 1.13 6.20 -0.21
C PRO B 37 0.92 5.75 1.22
N CYS B 38 0.89 4.44 1.37
CA CYS B 38 0.79 3.85 2.67
C CYS B 38 -0.31 2.82 2.76
N THR B 39 -1.52 3.15 3.15
CA THR B 39 -2.43 2.03 3.13
C THR B 39 -2.06 0.99 4.14
N VAL B 40 -2.78 0.95 5.24
CA VAL B 40 -2.55 -0.01 6.25
C VAL B 40 -3.89 -0.63 6.51
N MET B 41 -3.89 -1.76 7.19
CA MET B 41 -5.09 -2.50 7.39
C MET B 41 -5.64 -2.20 8.74
N THR B 42 -6.95 -1.96 8.83
CA THR B 42 -7.54 -1.49 10.06
C THR B 42 -6.73 -2.03 11.21
N HIS B 43 -6.42 -1.20 12.19
CA HIS B 43 -5.52 -1.57 13.27
C HIS B 43 -5.90 -0.94 14.56
N SER B 44 -5.08 -1.16 15.56
CA SER B 44 -5.38 -0.80 16.92
C SER B 44 -4.81 0.52 17.41
N TRP B 45 -3.81 1.06 16.73
CA TRP B 45 -3.21 2.37 17.08
C TRP B 45 -4.08 3.56 16.86
N PRO B 46 -3.87 4.60 17.67
CA PRO B 46 -4.71 5.78 17.60
C PRO B 46 -4.36 6.75 16.50
N MET B 47 -3.14 6.68 15.96
CA MET B 47 -2.68 7.73 15.06
C MET B 47 -1.81 7.11 14.03
N VAL B 48 -1.74 7.74 12.86
CA VAL B 48 -0.75 7.37 11.83
C VAL B 48 0.10 8.54 11.45
N SER B 49 1.29 8.23 10.94
CA SER B 49 2.15 9.30 10.49
C SER B 49 2.91 8.91 9.23
N ILE B 50 3.27 9.93 8.43
CA ILE B 50 4.28 9.79 7.41
C ILE B 50 5.49 10.55 7.92
N ARG B 51 6.63 9.88 7.91
CA ARG B 51 7.78 10.31 8.67
C ARG B 51 8.84 10.48 7.63
N ALA B 52 9.62 11.55 7.71
CA ALA B 52 10.49 11.87 6.60
C ALA B 52 11.84 12.11 7.16
N ARG B 53 12.83 11.45 6.63
CA ARG B 53 14.15 11.86 7.04
C ARG B 53 14.79 12.32 5.78
N PHE B 54 14.96 13.63 5.60
CA PHE B 54 15.46 14.16 4.31
C PHE B 54 16.90 13.76 4.09
N CYS B 55 17.37 13.83 2.83
CA CYS B 55 18.77 13.50 2.56
C CYS B 55 19.57 14.71 2.94
N ARG B 56 19.32 15.86 2.33
CA ARG B 56 20.17 17.08 2.58
C ARG B 56 19.76 17.75 3.88
N SER B 57 20.55 18.73 4.33
CA SER B 57 20.49 19.24 5.72
C SER B 57 19.13 19.06 6.47
N HIS B 58 19.16 18.19 7.49
CA HIS B 58 18.15 17.98 8.55
C HIS B 58 18.62 16.70 9.18
N ASP B 59 18.70 16.69 10.54
CA ASP B 59 18.81 15.39 11.27
C ASP B 59 17.55 15.01 12.06
N GLY B 60 17.63 13.91 12.83
CA GLY B 60 16.42 13.27 13.45
C GLY B 60 15.38 13.03 12.38
N SER B 61 14.09 13.20 12.68
CA SER B 61 13.03 12.99 11.63
C SER B 61 11.91 14.03 11.66
N ASP B 62 11.01 14.02 10.67
CA ASP B 62 9.81 14.90 10.68
C ASP B 62 8.54 14.19 10.23
N GLU B 63 7.40 14.43 10.91
CA GLU B 63 6.17 13.69 10.62
C GLU B 63 4.96 14.54 10.45
N LEU B 64 4.22 14.18 9.42
CA LEU B 64 2.81 14.50 9.41
C LEU B 64 2.16 13.42 10.21
N ILE B 65 1.37 13.84 11.21
CA ILE B 65 0.60 12.92 12.08
C ILE B 65 -0.95 13.12 12.02
N LEU B 66 -1.66 12.04 11.70
CA LEU B 66 -3.10 12.15 11.62
C LEU B 66 -3.74 11.22 12.62
N ASP B 67 -4.88 11.66 13.14
CA ASP B 67 -5.73 10.79 13.90
C ASP B 67 -5.98 9.54 13.06
N ALA B 68 -5.88 8.37 13.66
CA ALA B 68 -5.90 7.13 12.88
C ALA B 68 -7.24 6.86 12.23
N VAL B 69 -8.25 7.62 12.61
CA VAL B 69 -9.59 7.20 12.31
C VAL B 69 -10.37 8.08 11.30
N LYS B 70 -10.53 9.35 11.59
CA LYS B 70 -11.22 10.20 10.64
C LYS B 70 -10.10 10.94 9.90
N GLY B 71 -8.87 10.55 10.21
CA GLY B 71 -7.74 11.22 9.60
C GLY B 71 -7.42 12.70 9.80
N HIS B 72 -7.86 13.38 10.88
CA HIS B 72 -7.47 14.80 11.05
C HIS B 72 -6.03 14.93 11.34
N ARG B 73 -5.52 16.11 10.99
CA ARG B 73 -4.13 16.47 11.26
C ARG B 73 -3.98 16.78 12.72
N LEU B 74 -3.14 16.02 13.40
CA LEU B 74 -2.80 16.32 14.79
C LEU B 74 -1.45 17.03 14.86
N MET B 75 -0.54 16.73 13.93
CA MET B 75 0.74 17.40 13.95
C MET B 75 1.52 17.27 12.67
N ASN B 76 1.98 18.41 12.19
CA ASN B 76 2.60 18.49 10.89
C ASN B 76 4.03 18.91 10.98
N GLY B 77 4.89 17.97 11.24
CA GLY B 77 6.30 18.31 11.27
C GLY B 77 6.82 18.79 9.92
N LEU B 78 6.19 18.36 8.83
CA LEU B 78 6.71 18.68 7.50
C LEU B 78 6.46 20.13 7.06
N GLN B 79 5.47 20.80 7.70
CA GLN B 79 5.01 22.14 7.30
C GLN B 79 6.14 23.05 6.89
N TYR B 80 7.40 22.67 7.12
CA TYR B 80 8.49 23.62 7.03
C TYR B 80 9.29 23.50 5.79
N ARG B 81 10.01 22.40 5.72
CA ARG B 81 10.56 21.95 4.48
C ARG B 81 9.49 21.81 3.42
N LEU B 82 8.23 21.57 3.74
CA LEU B 82 7.29 21.23 2.67
C LEU B 82 6.05 21.99 2.97
N PRO B 83 6.16 23.32 2.94
CA PRO B 83 5.05 24.10 3.33
C PRO B 83 3.91 23.87 2.40
N TYR B 84 4.15 23.32 1.20
CA TYR B 84 3.09 23.29 0.17
C TYR B 84 2.44 21.93 -0.13
N ALA B 85 2.87 20.92 0.61
CA ALA B 85 2.36 19.55 0.50
C ALA B 85 0.95 19.51 1.03
N THR B 86 0.26 18.45 0.62
CA THR B 86 -1.13 18.18 0.88
C THR B 86 -1.09 16.70 1.23
N TRP B 87 -2.05 16.27 2.05
CA TRP B 87 -2.13 14.86 2.41
C TRP B 87 -3.53 14.45 2.12
N ASN B 88 -3.81 13.14 2.06
CA ASN B 88 -5.20 12.70 1.99
C ASN B 88 -5.32 11.49 2.83
N PHE B 89 -6.53 11.25 3.31
CA PHE B 89 -6.83 10.10 4.14
C PHE B 89 -8.11 9.42 3.71
N SER B 90 -8.02 8.15 3.36
CA SER B 90 -9.21 7.37 2.98
C SER B 90 -9.56 6.24 3.92
N GLN B 91 -10.83 6.22 4.35
CA GLN B 91 -11.37 5.13 5.13
C GLN B 91 -11.94 4.00 4.26
N LEU B 92 -11.37 2.81 4.34
CA LEU B 92 -11.79 1.71 3.43
C LEU B 92 -12.56 0.61 4.18
N HIS B 93 -12.59 0.82 5.49
CA HIS B 93 -13.19 -0.08 6.42
C HIS B 93 -12.23 -1.16 6.73
N LEU B 94 -11.85 -1.96 5.75
CA LEU B 94 -10.97 -3.03 6.12
C LEU B 94 -9.58 -2.51 6.27
N GLY B 95 -9.41 -1.21 6.13
CA GLY B 95 -8.07 -0.61 6.08
C GLY B 95 -8.21 0.87 5.74
N GLN B 96 -7.06 1.58 5.77
CA GLN B 96 -6.98 3.02 5.42
C GLN B 96 -5.84 3.36 4.48
N ILE B 97 -6.13 4.31 3.56
CA ILE B 97 -5.03 4.88 2.77
C ILE B 97 -4.80 6.32 3.18
N PHE B 98 -3.54 6.65 3.41
CA PHE B 98 -3.14 8.01 3.62
C PHE B 98 -1.90 8.32 2.82
N SER B 99 -1.68 9.59 2.50
CA SER B 99 -0.67 9.92 1.51
C SER B 99 -0.25 11.36 1.62
N LEU B 100 1.01 11.59 1.26
CA LEU B 100 1.61 12.90 1.29
C LEU B 100 1.95 13.21 -0.16
N THR B 101 1.53 14.36 -0.66
CA THR B 101 1.90 14.76 -1.98
C THR B 101 2.71 16.05 -1.97
N PHE B 102 3.85 16.06 -2.67
CA PHE B 102 4.65 17.27 -2.74
C PHE B 102 5.42 17.32 -4.00
N ASN B 103 6.12 18.42 -4.26
CA ASN B 103 7.01 18.42 -5.40
C ASN B 103 8.44 18.20 -5.01
N VAL B 104 9.08 17.19 -5.59
CA VAL B 104 10.42 16.77 -5.18
C VAL B 104 11.46 17.81 -5.53
N SER B 105 12.41 17.98 -4.64
CA SER B 105 13.59 18.81 -4.87
C SER B 105 14.80 18.16 -4.18
N THR B 106 16.02 18.63 -4.46
CA THR B 106 17.21 18.18 -3.70
C THR B 106 16.92 18.25 -2.22
N ASP B 107 16.32 19.39 -1.81
CA ASP B 107 15.98 19.71 -0.43
C ASP B 107 14.93 18.81 0.19
N THR B 108 14.25 18.01 -0.60
CA THR B 108 13.15 17.30 0.01
C THR B 108 13.14 15.87 -0.43
N ALA B 109 14.21 15.44 -1.08
CA ALA B 109 14.33 14.03 -1.35
C ALA B 109 14.92 13.35 -0.16
N GLY B 110 14.22 12.33 0.33
CA GLY B 110 14.78 11.48 1.38
C GLY B 110 14.04 10.16 1.59
N MET B 111 14.04 9.70 2.83
CA MET B 111 13.41 8.46 3.16
C MET B 111 12.12 8.66 3.88
N TYR B 112 11.04 8.41 3.14
CA TYR B 112 9.71 8.53 3.70
C TYR B 112 9.10 7.21 4.21
N GLU B 113 8.42 7.27 5.34
CA GLU B 113 7.98 6.04 6.00
C GLU B 113 6.53 5.99 6.39
N CYS B 114 5.90 4.88 6.30
CA CYS B 114 4.53 4.78 6.80
C CYS B 114 4.53 4.23 8.19
N VAL B 115 4.00 4.94 9.03
CA VAL B 115 4.06 4.64 10.48
C VAL B 115 2.77 4.60 11.31
N LEU B 116 2.60 3.50 12.05
CA LEU B 116 1.52 3.35 13.02
C LEU B 116 2.01 3.89 14.35
N ARG B 117 1.19 4.65 15.05
CA ARG B 117 1.73 5.57 16.06
C ARG B 117 0.84 5.86 17.25
N ASN B 118 1.32 5.57 18.47
CA ASN B 118 0.87 6.26 19.70
C ASN B 118 1.90 7.34 20.08
N TYR B 119 1.88 7.88 21.30
CA TYR B 119 2.83 8.97 21.54
C TYR B 119 4.17 8.51 21.98
N SER B 120 4.24 7.30 22.50
CA SER B 120 5.54 6.83 22.90
C SER B 120 6.19 6.07 21.76
N HIS B 121 5.39 5.42 20.93
CA HIS B 121 5.95 4.47 19.99
C HIS B 121 5.49 4.66 18.59
N GLY B 122 6.34 4.30 17.63
CA GLY B 122 5.88 4.11 16.24
C GLY B 122 6.19 2.72 15.71
N LEU B 123 5.21 2.08 15.09
CA LEU B 123 5.44 0.86 14.31
C LEU B 123 5.64 1.22 12.84
N ILE B 124 6.76 0.80 12.24
CA ILE B 124 7.14 1.40 10.96
C ILE B 124 6.81 0.41 9.92
N MET B 125 5.93 0.78 9.00
CA MET B 125 5.37 -0.20 8.10
C MET B 125 6.28 -0.40 6.92
N GLN B 126 6.57 0.66 6.18
CA GLN B 126 7.32 0.54 4.94
C GLN B 126 8.02 1.84 4.57
N ARG B 127 9.02 1.71 3.70
CA ARG B 127 9.87 2.84 3.46
C ARG B 127 10.10 3.11 2.00
N PHE B 128 9.77 4.34 1.59
CA PHE B 128 10.13 4.84 0.27
C PHE B 128 11.39 5.75 0.27
N VAL B 129 12.28 5.59 -0.69
CA VAL B 129 13.44 6.49 -0.77
C VAL B 129 13.43 7.34 -2.02
N ILE B 130 13.11 8.61 -1.92
CA ILE B 130 13.14 9.41 -3.13
C ILE B 130 14.43 10.23 -3.31
N LEU B 131 15.13 9.99 -4.41
CA LEU B 131 16.36 10.70 -4.70
C LEU B 131 16.22 11.59 -5.90
N THR B 132 16.97 12.69 -5.89
CA THR B 132 17.06 13.55 -7.07
C THR B 132 18.43 13.52 -7.77
N GLN B 133 19.52 13.40 -7.02
CA GLN B 133 20.82 13.14 -7.65
C GLN B 133 21.28 11.81 -7.06
N LEU B 134 22.18 11.06 -7.71
CA LEU B 134 22.71 9.82 -7.12
C LEU B 134 24.19 9.62 -7.46
N GLU B 135 25.03 9.33 -6.45
CA GLU B 135 26.49 9.50 -6.55
C GLU B 135 27.26 8.50 -7.41
N THR B 136 28.43 8.89 -7.92
CA THR B 136 29.16 8.08 -8.88
C THR B 136 30.67 8.37 -8.82
N LEU B 137 31.42 7.38 -8.36
CA LEU B 137 32.85 7.56 -8.09
C LEU B 137 33.74 6.51 -8.77
N PRO B 147 24.42 3.67 -18.08
CA PRO B 147 23.87 2.85 -16.99
C PRO B 147 22.35 2.66 -17.06
N ALA B 148 21.94 1.54 -17.68
CA ALA B 148 20.53 1.14 -17.81
C ALA B 148 19.83 1.20 -16.47
N LEU B 149 18.55 1.51 -16.51
CA LEU B 149 17.77 1.81 -15.34
C LEU B 149 16.32 1.66 -15.78
N GLY B 150 15.54 0.79 -15.14
CA GLY B 150 14.18 0.57 -15.62
C GLY B 150 13.17 1.41 -14.84
N ARG B 151 11.89 1.28 -15.18
CA ARG B 151 10.80 1.52 -14.23
C ARG B 151 10.94 0.33 -13.29
N TYR B 152 10.15 0.30 -12.22
CA TYR B 152 10.33 -0.64 -11.10
C TYR B 152 10.40 -2.14 -11.46
N SER B 153 11.55 -2.75 -11.18
CA SER B 153 11.67 -4.21 -11.12
C SER B 153 11.31 -4.57 -9.72
N LEU B 154 10.36 -5.49 -9.55
CA LEU B 154 10.21 -6.15 -8.27
C LEU B 154 11.62 -6.74 -7.99
N GLY B 155 12.09 -6.60 -6.76
CA GLY B 155 13.51 -6.80 -6.49
C GLY B 155 14.24 -5.47 -6.34
N ASP B 156 15.46 -5.55 -5.84
CA ASP B 156 16.25 -4.41 -5.39
C ASP B 156 17.23 -3.90 -6.46
N GLN B 157 16.76 -2.97 -7.29
CA GLN B 157 17.57 -2.29 -8.31
C GLN B 157 17.04 -0.88 -8.35
N ILE B 158 17.90 0.10 -8.06
CA ILE B 158 17.48 1.52 -8.12
C ILE B 158 16.78 1.77 -9.44
N TRP B 159 15.59 2.30 -9.37
CA TRP B 159 14.81 2.46 -10.56
C TRP B 159 14.38 3.91 -10.73
N SER B 160 13.66 4.18 -11.81
CA SER B 160 13.14 5.50 -12.05
C SER B 160 11.77 5.37 -12.71
N PRO B 161 10.87 6.36 -12.53
CA PRO B 161 9.66 6.12 -13.27
C PRO B 161 9.84 6.50 -14.74
N THR B 162 10.84 7.31 -15.05
CA THR B 162 11.04 7.73 -16.45
C THR B 162 12.49 7.56 -16.93
N PRO B 163 12.98 6.31 -16.96
CA PRO B 163 14.41 6.12 -17.01
C PRO B 163 15.04 6.76 -18.24
N TRP B 164 14.42 6.54 -19.40
CA TRP B 164 14.86 7.15 -20.68
C TRP B 164 15.32 8.61 -20.57
N ARG B 165 14.84 9.34 -19.56
CA ARG B 165 15.11 10.79 -19.44
C ARG B 165 16.45 11.05 -18.72
N LEU B 166 17.08 9.95 -18.31
CA LEU B 166 18.28 9.95 -17.47
C LEU B 166 19.53 10.70 -18.01
N ARG B 167 19.79 11.90 -17.52
CA ARG B 167 21.09 12.52 -17.77
C ARG B 167 22.23 12.11 -16.74
N ASN B 168 23.37 12.84 -16.75
CA ASN B 168 24.60 12.50 -15.96
C ASN B 168 25.73 13.58 -16.02
N HIS B 169 26.16 14.09 -14.86
CA HIS B 169 27.30 15.07 -14.74
C HIS B 169 28.51 14.38 -14.16
N ASP B 170 29.49 15.13 -13.65
CA ASP B 170 30.65 14.51 -12.96
C ASP B 170 30.64 14.55 -11.40
N CYS B 171 30.58 15.77 -10.85
CA CYS B 171 30.31 16.10 -9.42
C CYS B 171 30.24 17.64 -9.25
N GLY B 172 29.23 18.14 -8.54
CA GLY B 172 29.02 19.59 -8.37
C GLY B 172 28.20 19.87 -7.12
N MET B 173 26.90 20.01 -7.28
CA MET B 173 26.00 19.87 -6.14
C MET B 173 26.18 18.48 -5.49
N TYR B 181 27.68 12.12 -10.39
CA TYR B 181 26.31 11.93 -9.93
C TYR B 181 25.27 11.88 -11.08
N PHE B 182 24.39 10.88 -11.07
CA PHE B 182 23.32 10.81 -12.06
C PHE B 182 22.07 11.66 -11.67
N TYR B 183 21.55 12.48 -12.59
CA TYR B 183 20.25 13.12 -12.37
C TYR B 183 19.13 12.77 -13.39
N ILE B 184 18.04 13.55 -13.42
CA ILE B 184 16.93 13.34 -14.39
C ILE B 184 16.51 14.58 -15.22
N GLY B 185 16.43 14.42 -16.54
CA GLY B 185 16.16 15.52 -17.47
C GLY B 185 14.81 16.22 -17.47
N ARG B 186 14.88 17.55 -17.59
CA ARG B 186 13.74 18.49 -17.81
C ARG B 186 12.51 18.27 -16.92
N GLU B 200 33.04 16.15 1.89
CA GLU B 200 32.10 16.61 2.88
C GLU B 200 30.79 16.90 2.16
N GLU B 201 29.78 16.09 2.43
CA GLU B 201 29.95 14.89 3.24
C GLU B 201 29.53 13.70 2.39
N PRO B 202 28.72 12.77 2.94
CA PRO B 202 27.80 12.19 1.99
C PRO B 202 26.35 12.65 2.24
N ASP B 203 25.40 12.03 1.54
CA ASP B 203 23.96 12.18 1.72
C ASP B 203 23.67 11.63 3.07
N ARG B 204 22.56 12.05 3.65
CA ARG B 204 22.06 11.30 4.82
C ARG B 204 21.52 9.95 4.40
N CYS B 205 21.54 9.70 3.09
CA CYS B 205 20.93 8.53 2.41
C CYS B 205 21.95 7.48 1.97
N TRP B 206 23.04 7.92 1.34
CA TRP B 206 24.09 6.99 0.96
C TRP B 206 24.40 6.09 2.12
N THR B 207 23.80 4.92 2.15
CA THR B 207 24.09 3.82 3.08
C THR B 207 22.89 3.01 2.81
N VAL B 208 21.72 3.64 2.87
CA VAL B 208 20.46 3.07 2.43
C VAL B 208 20.55 2.82 0.93
N ILE B 209 20.90 3.86 0.16
CA ILE B 209 21.20 3.73 -1.26
C ILE B 209 22.25 2.64 -1.45
N GLN B 210 23.40 2.78 -0.80
CA GLN B 210 24.49 1.81 -0.97
C GLN B 210 24.03 0.35 -0.72
N ARG B 211 22.98 0.11 0.08
CA ARG B 211 22.45 -1.27 0.25
C ARG B 211 22.08 -1.88 -1.14
N TYR B 212 21.27 -1.15 -1.90
CA TYR B 212 20.72 -1.65 -3.16
C TYR B 212 21.73 -1.58 -4.24
N ARG B 213 21.48 -2.38 -5.28
CA ARG B 213 22.30 -2.41 -6.48
C ARG B 213 21.82 -1.38 -7.53
N LEU B 214 22.74 -0.87 -8.36
CA LEU B 214 22.40 -0.05 -9.53
C LEU B 214 22.34 -0.89 -10.81
#